data_4FEO
#
_entry.id   4FEO
#
_cell.length_a   132.910
_cell.length_b   35.230
_cell.length_c   41.460
_cell.angle_alpha   90.00
_cell.angle_beta   90.36
_cell.angle_gamma   90.00
#
_symmetry.space_group_name_H-M   'C 1 2 1'
#
loop_
_entity.id
_entity.type
_entity.pdbx_description
1 polymer 'U25A/A46G/C74U mutant of the B. subtilis xpt-pbuX guanine riboswitch aptamer domain'
2 non-polymer 9H-PURINE-2,6-DIAMINE
3 non-polymer 'COBALT HEXAMMINE(III)'
4 water water
#
_entity_poly.entity_id   1
_entity_poly.type   'polyribonucleotide'
_entity_poly.pdbx_seq_one_letter_code
;GGACAUAUAAACGCGUGGAUAUGGCACGCGAGUUUCUACCGGGCACCGUAAAUGUCCGAUUAUGUCC
;
_entity_poly.pdbx_strand_id   B
#
loop_
_chem_comp.id
_chem_comp.type
_chem_comp.name
_chem_comp.formula
6AP non-polymer 9H-PURINE-2,6-DIAMINE 'C5 H6 N6'
A RNA linking ADENOSINE-5'-MONOPHOSPHATE 'C10 H14 N5 O7 P'
C RNA linking CYTIDINE-5'-MONOPHOSPHATE 'C9 H14 N3 O8 P'
G RNA linking GUANOSINE-5'-MONOPHOSPHATE 'C10 H14 N5 O8 P'
NCO non-polymer 'COBALT HEXAMMINE(III)' 'Co H18 N6 3'
U RNA linking URIDINE-5'-MONOPHOSPHATE 'C9 H13 N2 O9 P'
#
# COMPACT_ATOMS: atom_id res chain seq x y z
N9 6AP B . -12.34 -1.79 -3.96
C8 6AP B . -12.48 -0.46 -4.24
N7 6AP B . -11.61 -0.08 -5.13
C5 6AP B . -10.85 -1.17 -5.48
C4 6AP B . -11.31 -2.27 -4.73
N3 6AP B . -10.73 -3.46 -4.89
C2 6AP B . -9.72 -3.65 -5.76
N2 6AP B . -9.16 -4.91 -5.88
N1 6AP B . -9.23 -2.63 -6.49
C6 6AP B . -9.76 -1.39 -6.38
N6 6AP B . -9.26 -0.36 -7.14
CO NCO C . 3.95 7.37 11.16
N1 NCO C . 5.75 7.21 11.91
N2 NCO C . 2.15 7.52 10.39
N3 NCO C . 4.32 9.25 10.69
N4 NCO C . 3.59 5.49 11.62
N5 NCO C . 4.62 6.80 9.41
N6 NCO C . 3.29 7.93 12.93
CO NCO D . 12.71 -6.83 -1.16
N1 NCO D . 13.28 -5.00 -1.63
N2 NCO D . 12.13 -8.64 -0.69
N3 NCO D . 11.03 -6.55 -2.14
N4 NCO D . 14.38 -7.12 -0.18
N5 NCO D . 13.56 -7.53 -2.80
N6 NCO D . 11.87 -6.12 0.48
CO NCO E . 7.93 1.39 -1.23
N1 NCO E . 8.86 2.77 -2.27
N2 NCO E . 7.00 0.00 -0.18
N3 NCO E . 7.09 0.71 -2.86
N4 NCO E . 8.76 2.07 0.42
N5 NCO E . 9.47 0.17 -1.49
N6 NCO E . 6.41 2.59 -0.97
CO NCO F . 8.15 -1.09 15.12
N1 NCO F . 9.54 0.20 14.64
N2 NCO F . 6.79 -2.39 15.61
N3 NCO F . 6.85 0.38 15.33
N4 NCO F . 9.49 -2.55 14.90
N5 NCO F . 7.65 -1.27 13.22
N6 NCO F . 8.65 -0.91 17.01
CO NCO G . 17.83 1.15 -2.07
N1 NCO G . 18.30 2.48 -3.44
N2 NCO G . 17.36 -0.18 -0.69
N3 NCO G . 16.23 2.20 -1.59
N4 NCO G . 19.43 0.11 -2.54
N5 NCO G . 16.78 0.15 -3.38
N6 NCO G . 18.88 2.15 -0.75
CO NCO H . 0.00 -9.54 2.51
N1 NCO H . -0.62 -10.97 1.32
N2 NCO H . 0.62 -8.10 3.70
N3 NCO H . 0.78 -8.60 0.96
N4 NCO H . -0.79 -10.47 4.04
N5 NCO H . -1.69 -8.58 2.23
N6 NCO H . 1.68 -10.50 2.78
CO NCO I . -14.01 -5.29 5.06
N1 NCO I . -12.89 -5.50 3.45
N2 NCO I . -15.12 -5.09 6.66
N3 NCO I . -15.43 -6.34 4.20
N4 NCO I . -12.58 -4.24 5.91
N5 NCO I . -13.25 -6.94 5.80
N6 NCO I . -14.76 -3.65 4.31
CO NCO J . -16.44 10.90 -3.75
N1 NCO J . -15.72 12.72 -3.93
N2 NCO J . -17.16 9.08 -3.54
N3 NCO J . -16.28 10.63 -5.68
N4 NCO J . -16.61 11.17 -1.81
N5 NCO J . -14.63 10.20 -3.49
N6 NCO J . -18.26 11.60 -3.99
CO NCO K . -3.49 5.11 -17.06
N1 NCO K . -3.19 4.54 -18.92
N2 NCO K . -3.80 5.68 -15.21
N3 NCO K . -5.15 4.04 -17.01
N4 NCO K . -1.84 6.17 -17.11
N5 NCO K . -2.47 3.56 -16.42
N6 NCO K . -4.51 6.66 -17.70
#